data_1N3Q
#
_entry.id   1N3Q
#
_cell.length_a   56.66
_cell.length_b   83.23
_cell.length_c   123.16
_cell.angle_alpha   90
_cell.angle_beta   90
_cell.angle_gamma   90
#
_symmetry.space_group_name_H-M   'P 21 21 21'
#
loop_
_entity.id
_entity.type
_entity.pdbx_description
1 polymer 'lectin PAL'
2 branched alpha-D-glucopyranose-(1-3)-beta-D-fructofuranose
3 branched alpha-D-glucopyranose-(1-3)-beta-D-fructopyranose
4 non-polymer 'MANGANESE (II) ION'
5 non-polymer 'CALCIUM ION'
6 water water
#
_entity_poly.entity_id   1
_entity_poly.type   'polypeptide(L)'
_entity_poly.pdbx_seq_one_letter_code
;QDSLSFGFPTFPSDQKNLIFQGDAQIKNNAVQLTKTDSNGNPVASTVGRILFSAQVHLWEKSSSRVANFQSQFSFSLKSP
LSNGADGIAFFIAPPDTTIPSGSGGGLLGLFAPGTAQNTSANQVIAVEFDTFYAQDSNTWDPNYPHIGIDVNSIRSVKTV
KWDRRDGQSLNVLVTFNPSTRNLDVVATYSDGTRYEVSYEVDVRSVLPEWVRVGFSAASGEQYQTHTLESWSFTSTLLYT
AQKKGENLALEM
;
_entity_poly.pdbx_strand_id   A,B
#
# COMPACT_ATOMS: atom_id res chain seq x y z
N GLN A 1 2.34 -8.67 -1.53
CA GLN A 1 1.96 -8.51 -2.96
C GLN A 1 3.13 -8.54 -3.92
N ASP A 2 2.91 -9.11 -5.10
CA ASP A 2 3.91 -9.17 -6.14
C ASP A 2 4.10 -7.78 -6.75
N SER A 3 3.02 -7.02 -6.82
CA SER A 3 3.09 -5.67 -7.36
C SER A 3 2.41 -4.69 -6.42
N LEU A 4 2.94 -3.47 -6.41
CA LEU A 4 2.42 -2.41 -5.55
C LEU A 4 2.71 -1.07 -6.20
N SER A 5 1.77 -0.15 -6.08
CA SER A 5 1.96 1.18 -6.62
C SER A 5 1.05 2.14 -5.87
N PHE A 6 1.48 3.40 -5.80
CA PHE A 6 0.69 4.43 -5.14
C PHE A 6 1.16 5.76 -5.70
N GLY A 7 0.27 6.73 -5.73
CA GLY A 7 0.65 8.02 -6.27
C GLY A 7 0.12 9.15 -5.44
N PHE A 8 1.00 10.11 -5.15
CA PHE A 8 0.64 11.31 -4.39
C PHE A 8 0.82 12.52 -5.30
N PRO A 9 -0.23 12.93 -6.03
CA PRO A 9 -0.05 14.11 -6.89
C PRO A 9 0.33 15.30 -6.00
N THR A 10 -0.23 15.32 -4.80
CA THR A 10 0.05 16.36 -3.81
C THR A 10 -0.02 15.67 -2.46
N PHE A 11 0.22 16.43 -1.40
CA PHE A 11 0.19 15.89 -0.05
C PHE A 11 -0.79 16.60 0.87
N PRO A 12 -2.07 16.20 0.82
CA PRO A 12 -3.07 16.84 1.68
C PRO A 12 -2.66 16.57 3.13
N SER A 13 -3.20 17.33 4.07
CA SER A 13 -2.82 17.16 5.47
C SER A 13 -3.26 15.88 6.18
N ASP A 14 -4.36 15.26 5.75
CA ASP A 14 -4.82 14.05 6.43
C ASP A 14 -4.21 12.75 5.87
N GLN A 15 -2.93 12.52 6.11
CA GLN A 15 -2.28 11.32 5.64
C GLN A 15 -2.54 10.17 6.59
N LYS A 16 -2.59 8.96 6.04
CA LYS A 16 -2.84 7.76 6.83
C LYS A 16 -1.79 6.68 6.60
N ASN A 17 -1.15 6.71 5.43
CA ASN A 17 -0.16 5.68 5.10
C ASN A 17 1.29 6.14 5.07
N LEU A 18 1.58 7.26 5.71
CA LEU A 18 2.94 7.78 5.76
C LEU A 18 3.50 7.74 7.17
N ILE A 19 4.74 7.28 7.29
CA ILE A 19 5.42 7.23 8.58
C ILE A 19 6.31 8.48 8.62
N PHE A 20 6.06 9.34 9.59
CA PHE A 20 6.83 10.57 9.74
C PHE A 20 7.88 10.39 10.82
N GLN A 21 9.12 10.75 10.50
CA GLN A 21 10.20 10.62 11.47
C GLN A 21 10.95 11.94 11.56
N GLY A 22 11.42 12.31 12.74
CA GLY A 22 12.14 13.56 12.88
C GLY A 22 11.23 14.77 12.81
N ASP A 23 11.57 15.75 11.99
CA ASP A 23 10.75 16.95 11.87
C ASP A 23 9.87 17.02 10.64
N ALA A 24 9.73 15.93 9.91
CA ALA A 24 8.91 15.94 8.70
C ALA A 24 7.45 16.18 9.01
N GLN A 25 6.80 17.02 8.21
CA GLN A 25 5.39 17.31 8.41
C GLN A 25 4.81 17.92 7.15
N ILE A 26 3.49 17.88 7.03
CA ILE A 26 2.84 18.45 5.87
C ILE A 26 2.46 19.90 6.08
N LYS A 27 2.68 20.71 5.05
CA LYS A 27 2.37 22.13 5.06
C LYS A 27 2.07 22.54 3.62
N ASN A 28 0.94 23.19 3.40
CA ASN A 28 0.57 23.65 2.06
C ASN A 28 0.60 22.54 1.02
N ASN A 29 -0.04 21.41 1.33
CA ASN A 29 -0.10 20.26 0.43
C ASN A 29 1.24 19.72 -0.06
N ALA A 30 2.28 19.90 0.74
CA ALA A 30 3.60 19.39 0.40
C ALA A 30 4.24 18.91 1.70
N VAL A 31 5.26 18.06 1.57
CA VAL A 31 5.94 17.56 2.74
C VAL A 31 7.21 18.36 3.01
N GLN A 32 7.27 19.02 4.16
CA GLN A 32 8.46 19.77 4.54
C GLN A 32 9.28 18.80 5.36
N LEU A 33 10.25 18.15 4.72
CA LEU A 33 11.10 17.18 5.40
C LEU A 33 11.87 17.80 6.55
N THR A 34 12.30 19.04 6.36
CA THR A 34 13.05 19.74 7.40
C THR A 34 12.23 20.86 8.00
N LYS A 35 12.49 21.15 9.27
CA LYS A 35 11.78 22.17 10.03
C LYS A 35 11.85 23.59 9.46
N THR A 36 10.77 24.32 9.64
CA THR A 36 10.66 25.71 9.19
C THR A 36 9.99 26.49 10.32
N ASP A 37 10.18 27.81 10.35
CA ASP A 37 9.58 28.63 11.41
C ASP A 37 8.17 29.08 11.10
N SER A 38 7.67 30.03 11.89
CA SER A 38 6.33 30.57 11.74
C SER A 38 6.07 31.14 10.35
N ASN A 39 6.99 31.97 9.87
CA ASN A 39 6.87 32.58 8.56
C ASN A 39 7.36 31.69 7.41
N GLY A 40 7.53 30.41 7.69
CA GLY A 40 7.94 29.46 6.66
C GLY A 40 9.42 29.40 6.26
N ASN A 41 10.29 29.99 7.06
CA ASN A 41 11.72 29.97 6.74
C ASN A 41 12.43 28.77 7.33
N PRO A 42 13.44 28.25 6.60
CA PRO A 42 14.22 27.09 7.02
C PRO A 42 15.04 27.41 8.27
N VAL A 43 15.30 26.40 9.09
CA VAL A 43 16.09 26.58 10.29
C VAL A 43 17.25 25.60 10.33
N ALA A 44 18.22 25.87 11.20
CA ALA A 44 19.39 25.02 11.34
C ALA A 44 19.10 23.80 12.20
N SER A 45 20.01 22.83 12.18
CA SER A 45 19.90 21.62 12.96
C SER A 45 18.55 20.95 12.89
N THR A 46 18.24 20.35 11.74
CA THR A 46 16.96 19.67 11.59
C THR A 46 17.07 18.50 10.62
N VAL A 47 16.45 17.39 10.99
CA VAL A 47 16.44 16.18 10.16
C VAL A 47 15.00 15.70 10.08
N GLY A 48 14.61 15.18 8.92
CA GLY A 48 13.26 14.68 8.76
C GLY A 48 13.19 13.61 7.70
N ARG A 49 12.28 12.64 7.86
CA ARG A 49 12.14 11.57 6.89
C ARG A 49 10.70 11.08 6.83
N ILE A 50 10.32 10.47 5.72
CA ILE A 50 8.98 9.90 5.58
C ILE A 50 9.15 8.56 4.87
N LEU A 51 8.26 7.62 5.19
CA LEU A 51 8.29 6.28 4.59
C LEU A 51 6.85 5.88 4.33
N PHE A 52 6.62 5.17 3.23
CA PHE A 52 5.26 4.72 2.96
C PHE A 52 5.12 3.52 3.91
N SER A 53 3.96 3.39 4.55
CA SER A 53 3.74 2.31 5.51
C SER A 53 3.82 0.90 4.96
N ALA A 54 3.18 0.65 3.82
CA ALA A 54 3.20 -0.69 3.24
C ALA A 54 4.60 -1.08 2.80
N GLN A 55 5.01 -2.29 3.18
CA GLN A 55 6.33 -2.79 2.82
C GLN A 55 6.38 -3.23 1.38
N VAL A 56 7.52 -2.99 0.73
CA VAL A 56 7.71 -3.35 -0.66
C VAL A 56 8.51 -4.64 -0.78
N HIS A 57 8.02 -5.55 -1.62
CA HIS A 57 8.68 -6.83 -1.82
C HIS A 57 9.72 -6.60 -2.93
N LEU A 58 10.94 -6.28 -2.52
CA LEU A 58 12.04 -5.99 -3.44
C LEU A 58 12.54 -7.22 -4.21
N TRP A 59 12.65 -8.34 -3.52
CA TRP A 59 13.06 -9.57 -4.15
C TRP A 59 12.58 -10.76 -3.35
N GLU A 60 12.38 -11.88 -4.05
CA GLU A 60 11.88 -13.10 -3.43
C GLU A 60 12.85 -14.24 -3.70
N LYS A 61 13.45 -14.76 -2.63
CA LYS A 61 14.41 -15.85 -2.75
C LYS A 61 13.86 -17.13 -3.38
N SER A 62 12.72 -17.60 -2.89
CA SER A 62 12.13 -18.84 -3.42
C SER A 62 11.87 -18.85 -4.92
N SER A 63 11.27 -17.80 -5.45
CA SER A 63 10.98 -17.72 -6.88
C SER A 63 12.16 -17.19 -7.66
N SER A 64 13.16 -16.68 -6.94
CA SER A 64 14.35 -16.11 -7.57
C SER A 64 13.98 -14.89 -8.43
N ARG A 65 12.99 -14.13 -7.96
CA ARG A 65 12.55 -12.94 -8.69
C ARG A 65 13.06 -11.68 -8.02
N VAL A 66 13.25 -10.63 -8.81
CA VAL A 66 13.70 -9.35 -8.31
C VAL A 66 12.75 -8.30 -8.86
N ALA A 67 12.43 -7.33 -8.03
CA ALA A 67 11.51 -6.28 -8.42
C ALA A 67 12.08 -5.26 -9.40
N ASN A 68 11.21 -4.83 -10.32
CA ASN A 68 11.50 -3.80 -11.29
C ASN A 68 10.71 -2.64 -10.71
N PHE A 69 11.37 -1.57 -10.29
CA PHE A 69 10.63 -0.45 -9.72
C PHE A 69 10.96 0.88 -10.35
N GLN A 70 10.05 1.83 -10.13
CA GLN A 70 10.18 3.17 -10.67
C GLN A 70 9.59 4.16 -9.67
N SER A 71 10.37 5.16 -9.32
CA SER A 71 9.93 6.18 -8.39
C SER A 71 10.06 7.52 -9.08
N GLN A 72 8.94 8.25 -9.14
CA GLN A 72 8.90 9.55 -9.78
C GLN A 72 8.51 10.55 -8.70
N PHE A 73 9.21 11.68 -8.65
CA PHE A 73 8.91 12.68 -7.63
C PHE A 73 9.52 14.02 -7.99
N SER A 74 9.11 15.07 -7.30
CA SER A 74 9.67 16.39 -7.56
C SER A 74 9.77 17.14 -6.25
N PHE A 75 10.85 17.91 -6.09
CA PHE A 75 11.06 18.68 -4.88
C PHE A 75 11.64 20.02 -5.24
N SER A 76 11.60 20.94 -4.29
CA SER A 76 12.17 22.26 -4.48
C SER A 76 12.94 22.60 -3.21
N LEU A 77 13.97 23.40 -3.35
CA LEU A 77 14.80 23.81 -2.23
C LEU A 77 14.75 25.33 -2.19
N LYS A 78 14.56 25.90 -1.01
CA LYS A 78 14.52 27.36 -0.88
C LYS A 78 15.29 27.79 0.36
N SER A 79 16.06 28.85 0.22
CA SER A 79 16.85 29.35 1.34
C SER A 79 17.26 30.80 1.16
N PRO A 80 17.24 31.56 2.26
CA PRO A 80 17.60 32.99 2.27
C PRO A 80 19.09 33.11 1.93
N LEU A 81 19.85 32.07 2.26
CA LEU A 81 21.27 32.01 2.01
C LEU A 81 21.51 31.49 0.59
N SER A 82 22.77 31.49 0.16
CA SER A 82 23.13 30.99 -1.15
C SER A 82 23.94 29.72 -0.95
N ASN A 83 24.03 29.29 0.31
CA ASN A 83 24.76 28.09 0.69
C ASN A 83 23.79 27.11 1.34
N GLY A 84 22.63 26.92 0.72
CA GLY A 84 21.66 26.00 1.27
C GLY A 84 22.24 24.62 1.52
N ALA A 85 21.85 24.00 2.63
CA ALA A 85 22.33 22.67 2.99
C ALA A 85 21.20 21.93 3.69
N ASP A 86 21.28 20.60 3.78
CA ASP A 86 22.38 19.80 3.25
C ASP A 86 21.97 18.98 2.06
N GLY A 87 20.68 18.80 1.86
CA GLY A 87 20.22 18.02 0.73
C GLY A 87 19.07 17.08 1.05
N ILE A 88 18.52 16.50 -0.01
CA ILE A 88 17.38 15.59 0.13
C ILE A 88 17.75 14.27 -0.55
N ALA A 89 17.17 13.18 -0.08
CA ALA A 89 17.48 11.89 -0.65
C ALA A 89 16.31 10.93 -0.69
N PHE A 90 16.24 10.16 -1.77
CA PHE A 90 15.24 9.12 -1.91
C PHE A 90 15.98 7.88 -1.45
N PHE A 91 15.41 7.10 -0.54
CA PHE A 91 16.10 5.90 -0.11
C PHE A 91 15.22 4.67 0.05
N ILE A 92 15.88 3.52 0.12
CA ILE A 92 15.24 2.23 0.27
C ILE A 92 16.03 1.58 1.39
N ALA A 93 15.34 1.06 2.40
CA ALA A 93 16.02 0.45 3.53
C ALA A 93 15.13 -0.56 4.26
N PRO A 94 15.70 -1.29 5.24
CA PRO A 94 14.90 -2.26 5.99
C PRO A 94 13.66 -1.57 6.56
N PRO A 95 12.55 -2.31 6.67
CA PRO A 95 11.27 -1.81 7.18
C PRO A 95 11.30 -1.06 8.52
N ASP A 96 12.22 -1.42 9.41
CA ASP A 96 12.30 -0.80 10.72
C ASP A 96 13.31 0.34 10.84
N THR A 97 13.75 0.88 9.70
CA THR A 97 14.73 1.95 9.73
C THR A 97 14.25 3.17 10.53
N THR A 98 15.19 3.78 11.25
CA THR A 98 14.92 4.97 12.06
C THR A 98 16.10 5.92 11.89
N ILE A 99 15.89 7.19 12.24
CA ILE A 99 16.95 8.18 12.12
C ILE A 99 18.07 7.81 13.09
N PRO A 100 19.27 7.53 12.56
CA PRO A 100 20.42 7.17 13.40
C PRO A 100 20.86 8.38 14.22
N SER A 101 21.46 8.13 15.38
CA SER A 101 21.95 9.21 16.26
C SER A 101 23.05 9.99 15.57
N GLY A 102 22.95 11.32 15.61
CA GLY A 102 23.96 12.17 15.00
C GLY A 102 24.06 12.06 13.49
N SER A 103 22.93 11.85 12.82
CA SER A 103 22.92 11.72 11.36
C SER A 103 22.52 13.01 10.66
N GLY A 104 22.54 14.12 11.40
CA GLY A 104 22.16 15.39 10.82
C GLY A 104 23.21 15.94 9.86
N GLY A 105 22.99 17.15 9.37
CA GLY A 105 23.93 17.75 8.45
C GLY A 105 24.22 16.93 7.20
N GLY A 106 25.49 16.83 6.86
CA GLY A 106 25.92 16.10 5.68
C GLY A 106 25.63 14.61 5.65
N LEU A 107 25.21 14.04 6.77
CA LEU A 107 24.91 12.61 6.78
C LEU A 107 23.48 12.39 6.31
N LEU A 108 22.80 13.49 6.01
CA LEU A 108 21.43 13.46 5.48
C LEU A 108 20.40 12.64 6.26
N GLY A 109 20.65 12.37 7.52
CA GLY A 109 19.70 11.60 8.31
C GLY A 109 19.64 10.14 7.90
N LEU A 110 20.63 9.70 7.13
CA LEU A 110 20.69 8.32 6.67
C LEU A 110 21.76 7.46 7.33
N PHE A 111 22.88 8.06 7.70
CA PHE A 111 23.95 7.26 8.31
C PHE A 111 24.38 7.76 9.67
N ALA A 112 24.98 6.87 10.44
CA ALA A 112 25.51 7.19 11.75
C ALA A 112 26.94 7.64 11.50
N PRO A 113 27.43 8.61 12.28
CA PRO A 113 28.80 9.11 12.11
C PRO A 113 29.87 8.04 12.13
N GLY A 114 29.81 7.15 13.13
CA GLY A 114 30.81 6.11 13.25
C GLY A 114 30.89 5.09 12.13
N THR A 115 29.80 4.92 11.39
CA THR A 115 29.79 3.93 10.31
C THR A 115 29.38 4.49 8.95
N ALA A 116 29.32 5.83 8.85
CA ALA A 116 28.92 6.51 7.62
C ALA A 116 29.60 5.98 6.35
N GLN A 117 30.85 5.56 6.46
CA GLN A 117 31.55 5.05 5.28
C GLN A 117 31.93 3.58 5.39
N ASN A 118 31.25 2.84 6.26
CA ASN A 118 31.52 1.41 6.44
C ASN A 118 30.42 0.63 5.70
N THR A 119 30.72 0.18 4.49
CA THR A 119 29.74 -0.53 3.68
C THR A 119 29.12 -1.77 4.31
N SER A 120 29.92 -2.57 5.01
CA SER A 120 29.39 -3.77 5.63
C SER A 120 28.59 -3.50 6.90
N ALA A 121 28.43 -2.22 7.25
CA ALA A 121 27.70 -1.86 8.46
C ALA A 121 26.37 -1.16 8.16
N ASN A 122 25.98 -1.13 6.89
CA ASN A 122 24.73 -0.47 6.50
C ASN A 122 23.91 -1.28 5.50
N GLN A 123 22.65 -0.91 5.37
CA GLN A 123 21.73 -1.52 4.42
C GLN A 123 20.84 -0.40 3.91
N VAL A 124 21.31 0.28 2.88
CA VAL A 124 20.56 1.38 2.33
C VAL A 124 21.05 1.76 0.95
N ILE A 125 20.11 2.06 0.08
CA ILE A 125 20.41 2.51 -1.26
C ILE A 125 19.69 3.84 -1.31
N ALA A 126 20.41 4.90 -1.66
CA ALA A 126 19.79 6.21 -1.72
C ALA A 126 20.27 7.03 -2.90
N VAL A 127 19.41 7.91 -3.38
CA VAL A 127 19.73 8.80 -4.48
C VAL A 127 19.72 10.14 -3.77
N GLU A 128 20.90 10.73 -3.64
CA GLU A 128 21.02 11.99 -2.95
C GLU A 128 21.19 13.17 -3.88
N PHE A 129 20.64 14.31 -3.45
CA PHE A 129 20.76 15.58 -4.17
C PHE A 129 21.44 16.41 -3.10
N ASP A 130 22.76 16.43 -3.18
CA ASP A 130 23.64 17.07 -2.22
C ASP A 130 24.05 18.48 -2.66
N THR A 131 23.72 19.47 -1.83
CA THR A 131 24.06 20.86 -2.17
C THR A 131 25.20 21.44 -1.33
N PHE A 132 25.68 20.71 -0.34
CA PHE A 132 26.76 21.21 0.51
C PHE A 132 27.96 20.26 0.44
N TYR A 133 29.14 20.82 0.22
CA TYR A 133 30.34 20.00 0.07
C TYR A 133 31.62 20.51 0.73
N ALA A 134 31.50 21.38 1.72
CA ALA A 134 32.69 21.89 2.40
C ALA A 134 33.58 20.68 2.76
N GLN A 135 34.81 20.70 2.27
CA GLN A 135 35.76 19.61 2.48
C GLN A 135 36.19 19.37 3.93
N ASP A 136 35.80 20.27 4.84
CA ASP A 136 36.18 20.08 6.24
C ASP A 136 35.17 19.17 6.95
N SER A 137 33.88 19.36 6.69
CA SER A 137 32.85 18.54 7.31
C SER A 137 32.30 17.42 6.40
N ASN A 138 32.33 17.63 5.09
CA ASN A 138 31.86 16.61 4.15
C ASN A 138 33.04 16.13 3.32
N THR A 139 34.06 15.62 4.00
CA THR A 139 35.28 15.16 3.36
C THR A 139 35.10 14.11 2.28
N TRP A 140 33.94 13.48 2.25
CA TRP A 140 33.65 12.43 1.28
C TRP A 140 33.06 12.94 -0.02
N ASP A 141 32.65 14.21 -0.05
CA ASP A 141 32.04 14.78 -1.25
C ASP A 141 32.95 15.34 -2.31
N PRO A 142 32.52 15.28 -3.58
CA PRO A 142 33.34 15.83 -4.66
C PRO A 142 33.20 17.31 -4.35
N ASN A 143 34.07 18.15 -4.90
CA ASN A 143 34.02 19.57 -4.56
C ASN A 143 33.05 20.43 -5.40
N TYR A 144 31.78 20.03 -5.43
CA TYR A 144 30.73 20.75 -6.16
C TYR A 144 29.37 20.11 -5.91
N PRO A 145 28.27 20.85 -6.17
CA PRO A 145 26.94 20.30 -5.94
C PRO A 145 26.79 19.06 -6.81
N HIS A 146 26.07 18.05 -6.32
CA HIS A 146 25.95 16.83 -7.08
C HIS A 146 24.76 15.96 -6.75
N ILE A 147 24.50 15.02 -7.65
CA ILE A 147 23.45 14.03 -7.48
C ILE A 147 24.29 12.78 -7.34
N GLY A 148 24.00 11.96 -6.34
CA GLY A 148 24.80 10.76 -6.18
C GLY A 148 24.00 9.55 -5.85
N ILE A 149 24.56 8.39 -6.17
CA ILE A 149 23.92 7.12 -5.86
C ILE A 149 24.71 6.58 -4.68
N ASP A 150 24.02 6.35 -3.56
CA ASP A 150 24.67 5.88 -2.35
C ASP A 150 24.29 4.43 -2.07
N VAL A 151 25.30 3.58 -1.93
CA VAL A 151 25.09 2.16 -1.63
C VAL A 151 25.86 1.83 -0.37
N ASN A 152 25.14 1.76 0.75
CA ASN A 152 25.70 1.47 2.07
C ASN A 152 26.77 2.46 2.56
N SER A 153 26.88 3.61 1.92
CA SER A 153 27.88 4.59 2.33
C SER A 153 27.53 6.01 1.93
N ILE A 154 27.92 6.98 2.76
CA ILE A 154 27.64 8.37 2.47
C ILE A 154 28.51 8.85 1.31
N ARG A 155 29.55 8.08 1.00
CA ARG A 155 30.43 8.43 -0.11
C ARG A 155 29.87 7.70 -1.33
N SER A 156 29.17 8.46 -2.18
CA SER A 156 28.54 7.91 -3.37
C SER A 156 29.44 7.03 -4.22
N VAL A 157 28.90 5.94 -4.74
CA VAL A 157 29.66 5.07 -5.62
C VAL A 157 29.68 5.72 -7.01
N LYS A 158 28.81 6.70 -7.22
CA LYS A 158 28.72 7.39 -8.50
C LYS A 158 28.01 8.74 -8.33
N THR A 159 28.51 9.78 -9.00
CA THR A 159 27.91 11.11 -8.91
C THR A 159 27.99 11.85 -10.24
N VAL A 160 27.25 12.95 -10.32
CA VAL A 160 27.25 13.78 -11.51
C VAL A 160 27.09 15.21 -11.01
N LYS A 161 27.85 16.13 -11.60
CA LYS A 161 27.74 17.53 -11.18
C LYS A 161 26.30 17.96 -11.35
N TRP A 162 25.80 18.72 -10.38
CA TRP A 162 24.43 19.19 -10.40
C TRP A 162 24.34 20.69 -10.08
N ASP A 163 23.28 21.33 -10.56
CA ASP A 163 23.07 22.75 -10.32
C ASP A 163 21.88 22.98 -9.40
N ARG A 164 22.13 23.61 -8.26
CA ARG A 164 21.05 23.91 -7.33
C ARG A 164 20.37 25.19 -7.79
N ARG A 165 19.04 25.16 -7.89
CA ARG A 165 18.28 26.34 -8.30
C ARG A 165 17.22 26.64 -7.26
N ASP A 166 17.42 27.72 -6.52
CA ASP A 166 16.51 28.11 -5.46
C ASP A 166 15.06 28.26 -5.94
N GLY A 167 14.15 27.59 -5.25
CA GLY A 167 12.74 27.67 -5.59
C GLY A 167 12.33 27.06 -6.91
N GLN A 168 13.19 26.27 -7.53
CA GLN A 168 12.88 25.62 -8.80
C GLN A 168 12.60 24.15 -8.53
N SER A 169 11.48 23.64 -9.05
CA SER A 169 11.13 22.25 -8.85
C SER A 169 11.97 21.36 -9.76
N LEU A 170 12.51 20.27 -9.20
CA LEU A 170 13.30 19.34 -9.97
C LEU A 170 12.45 18.08 -10.12
N ASN A 171 12.24 17.64 -11.36
CA ASN A 171 11.46 16.44 -11.62
C ASN A 171 12.46 15.29 -11.68
N VAL A 172 12.19 14.23 -10.92
CA VAL A 172 13.12 13.11 -10.90
C VAL A 172 12.47 11.78 -11.17
N LEU A 173 13.15 10.97 -11.98
CA LEU A 173 12.69 9.64 -12.31
C LEU A 173 13.79 8.67 -11.92
N VAL A 174 13.45 7.70 -11.06
CA VAL A 174 14.42 6.70 -10.63
C VAL A 174 13.87 5.35 -11.03
N THR A 175 14.67 4.59 -11.77
CA THR A 175 14.24 3.27 -12.23
C THR A 175 15.28 2.19 -11.97
N PHE A 176 14.81 1.02 -11.56
CA PHE A 176 15.71 -0.11 -11.36
C PHE A 176 15.24 -1.21 -12.29
N ASN A 177 16.14 -1.66 -13.16
CA ASN A 177 15.81 -2.72 -14.09
C ASN A 177 16.52 -3.98 -13.59
N PRO A 178 15.76 -4.96 -13.06
CA PRO A 178 16.36 -6.19 -12.54
C PRO A 178 17.06 -7.05 -13.61
N SER A 179 16.66 -6.86 -14.85
CA SER A 179 17.24 -7.62 -15.95
C SER A 179 18.69 -7.23 -16.22
N THR A 180 19.01 -5.95 -16.09
CA THR A 180 20.36 -5.44 -16.31
C THR A 180 21.00 -4.98 -15.01
N ARG A 181 20.20 -4.88 -13.95
CA ARG A 181 20.65 -4.44 -12.64
C ARG A 181 21.09 -2.98 -12.63
N ASN A 182 20.54 -2.20 -13.54
CA ASN A 182 20.86 -0.79 -13.63
C ASN A 182 19.89 0.07 -12.86
N LEU A 183 20.45 0.95 -12.03
CA LEU A 183 19.65 1.89 -11.25
C LEU A 183 19.88 3.19 -12.01
N ASP A 184 18.85 3.67 -12.71
CA ASP A 184 18.98 4.91 -13.48
C ASP A 184 18.27 6.08 -12.82
N VAL A 185 18.93 7.23 -12.84
CA VAL A 185 18.38 8.46 -12.28
C VAL A 185 18.36 9.54 -13.35
N VAL A 186 17.20 10.13 -13.56
CA VAL A 186 17.07 11.20 -14.54
C VAL A 186 16.37 12.36 -13.85
N ALA A 187 17.04 13.51 -13.82
CA ALA A 187 16.48 14.68 -13.16
C ALA A 187 16.46 15.85 -14.14
N THR A 188 15.33 16.57 -14.18
CA THR A 188 15.20 17.67 -15.10
C THR A 188 14.45 18.87 -14.53
N TYR A 189 14.92 20.06 -14.86
CA TYR A 189 14.25 21.28 -14.45
C TYR A 189 13.26 21.58 -15.57
N SER A 190 12.24 22.38 -15.27
CA SER A 190 11.21 22.70 -16.25
C SER A 190 11.73 23.22 -17.59
N ASP A 191 12.89 23.87 -17.60
CA ASP A 191 13.42 24.42 -18.83
C ASP A 191 14.10 23.38 -19.71
N GLY A 192 14.09 22.13 -19.25
CA GLY A 192 14.70 21.07 -20.03
C GLY A 192 16.12 20.70 -19.61
N THR A 193 16.71 21.44 -18.68
CA THR A 193 18.06 21.11 -18.23
C THR A 193 17.96 19.70 -17.65
N ARG A 194 18.85 18.82 -18.08
CA ARG A 194 18.79 17.43 -17.67
C ARG A 194 20.06 16.87 -17.03
N TYR A 195 19.89 15.96 -16.08
CA TYR A 195 21.03 15.34 -15.41
C TYR A 195 20.80 13.84 -15.32
N GLU A 196 21.82 13.06 -15.64
CA GLU A 196 21.70 11.61 -15.60
C GLU A 196 22.88 10.95 -14.92
N VAL A 197 22.58 9.89 -14.18
CA VAL A 197 23.61 9.12 -13.51
C VAL A 197 23.01 7.74 -13.29
N SER A 198 23.83 6.71 -13.43
CA SER A 198 23.34 5.35 -13.25
C SER A 198 24.46 4.50 -12.71
N TYR A 199 24.08 3.34 -12.17
CA TYR A 199 25.05 2.44 -11.61
C TYR A 199 24.44 1.05 -11.56
N GLU A 200 25.29 0.05 -11.78
CA GLU A 200 24.83 -1.33 -11.77
C GLU A 200 24.97 -1.86 -10.35
N VAL A 201 23.86 -2.35 -9.79
CA VAL A 201 23.88 -2.88 -8.43
C VAL A 201 22.90 -4.04 -8.26
N ASP A 202 23.35 -5.08 -7.58
CA ASP A 202 22.51 -6.24 -7.31
C ASP A 202 21.83 -5.96 -5.97
N VAL A 203 20.60 -5.47 -6.03
CA VAL A 203 19.86 -5.14 -4.82
C VAL A 203 19.72 -6.31 -3.86
N ARG A 204 19.80 -7.53 -4.38
CA ARG A 204 19.67 -8.70 -3.53
C ARG A 204 20.76 -8.84 -2.48
N SER A 205 21.98 -8.44 -2.84
CA SER A 205 23.10 -8.55 -1.90
C SER A 205 23.24 -7.32 -1.01
N VAL A 206 22.34 -6.35 -1.19
CA VAL A 206 22.39 -5.13 -0.40
C VAL A 206 21.24 -5.00 0.59
N LEU A 207 20.04 -5.32 0.14
CA LEU A 207 18.85 -5.18 0.97
C LEU A 207 18.09 -6.49 1.19
N PRO A 208 17.32 -6.55 2.28
CA PRO A 208 16.52 -7.75 2.59
C PRO A 208 15.44 -7.84 1.53
N GLU A 209 14.65 -8.93 1.57
CA GLU A 209 13.58 -9.14 0.61
C GLU A 209 12.49 -8.09 0.69
N TRP A 210 12.15 -7.69 1.91
CA TRP A 210 11.12 -6.69 2.13
C TRP A 210 11.74 -5.40 2.64
N VAL A 211 11.34 -4.28 2.05
CA VAL A 211 11.89 -2.99 2.43
C VAL A 211 10.83 -1.91 2.51
N ARG A 212 11.28 -0.70 2.79
CA ARG A 212 10.42 0.47 2.83
C ARG A 212 11.15 1.57 2.09
N VAL A 213 10.39 2.36 1.33
CA VAL A 213 10.94 3.44 0.55
C VAL A 213 10.48 4.77 1.13
N GLY A 214 11.29 5.81 0.92
CA GLY A 214 10.94 7.12 1.45
C GLY A 214 11.92 8.20 1.10
N PHE A 215 11.90 9.29 1.87
CA PHE A 215 12.81 10.41 1.63
C PHE A 215 13.39 10.88 2.94
N SER A 216 14.55 11.51 2.86
CA SER A 216 15.20 12.04 4.04
C SER A 216 15.85 13.37 3.65
N ALA A 217 15.92 14.27 4.60
CA ALA A 217 16.54 15.57 4.35
C ALA A 217 17.09 16.03 5.68
N ALA A 218 18.07 16.93 5.62
CA ALA A 218 18.69 17.44 6.83
C ALA A 218 19.39 18.76 6.56
N SER A 219 19.60 19.52 7.63
CA SER A 219 20.28 20.80 7.56
C SER A 219 21.15 20.91 8.81
N GLY A 220 22.43 21.20 8.62
CA GLY A 220 23.33 21.34 9.74
C GLY A 220 23.34 22.81 10.12
N GLU A 221 24.52 23.45 10.05
CA GLU A 221 24.59 24.87 10.38
C GLU A 221 24.07 25.71 9.23
N GLN A 222 24.16 25.18 8.01
CA GLN A 222 23.61 25.87 6.84
C GLN A 222 22.27 25.19 6.59
N TYR A 223 21.31 25.95 6.08
CA TYR A 223 19.97 25.43 5.89
C TYR A 223 19.24 25.84 4.61
N GLN A 224 18.14 25.15 4.37
CA GLN A 224 17.29 25.36 3.22
C GLN A 224 16.10 24.45 3.46
N THR A 225 14.97 24.76 2.82
CA THR A 225 13.80 23.91 2.96
C THR A 225 13.97 22.75 1.99
N HIS A 226 13.47 21.58 2.35
CA HIS A 226 13.53 20.42 1.47
C HIS A 226 12.08 20.00 1.28
N THR A 227 11.44 20.59 0.29
CA THR A 227 10.02 20.38 0.01
C THR A 227 9.68 19.32 -1.03
N LEU A 228 9.12 18.20 -0.58
CA LEU A 228 8.70 17.12 -1.46
C LEU A 228 7.30 17.52 -1.92
N GLU A 229 7.12 17.68 -3.23
CA GLU A 229 5.84 18.12 -3.79
C GLU A 229 4.92 17.03 -4.32
N SER A 230 5.48 15.97 -4.90
CA SER A 230 4.67 14.88 -5.44
C SER A 230 5.52 13.62 -5.47
N TRP A 231 4.86 12.47 -5.53
CA TRP A 231 5.58 11.20 -5.52
C TRP A 231 4.71 10.04 -5.96
N SER A 232 5.20 9.27 -6.93
CA SER A 232 4.49 8.09 -7.40
C SER A 232 5.52 6.96 -7.34
N PHE A 233 5.07 5.76 -7.05
CA PHE A 233 5.97 4.62 -6.94
C PHE A 233 5.26 3.37 -7.41
N THR A 234 6.00 2.55 -8.15
CA THR A 234 5.44 1.31 -8.64
C THR A 234 6.52 0.25 -8.58
N SER A 235 6.12 -0.96 -8.23
CA SER A 235 7.07 -2.05 -8.14
C SER A 235 6.41 -3.36 -8.56
N THR A 236 7.14 -4.17 -9.33
CA THR A 236 6.62 -5.44 -9.81
C THR A 236 7.71 -6.50 -9.78
N LEU A 237 7.45 -7.63 -9.12
CA LEU A 237 8.42 -8.72 -9.08
C LEU A 237 8.49 -9.39 -10.46
N LEU A 238 9.71 -9.65 -10.94
CA LEU A 238 9.89 -10.26 -12.25
C LEU A 238 10.96 -11.37 -12.30
N TYR A 239 10.73 -12.35 -13.18
CA TYR A 239 11.68 -13.43 -13.41
C TYR A 239 12.59 -12.83 -14.47
N THR A 240 13.88 -12.78 -14.20
CA THR A 240 14.80 -12.20 -15.17
C THR A 240 15.64 -13.23 -15.92
N ALA A 241 16.23 -12.79 -17.03
CA ALA A 241 17.07 -13.64 -17.88
C ALA A 241 17.75 -14.77 -17.10
N GLN B 1 -2.43 8.65 -0.37
CA GLN B 1 -2.29 8.63 -1.85
C GLN B 1 -3.63 8.67 -2.55
N ASP B 2 -3.69 9.39 -3.66
CA ASP B 2 -4.91 9.48 -4.44
C ASP B 2 -5.19 8.16 -5.12
N SER B 3 -4.12 7.48 -5.50
CA SER B 3 -4.23 6.18 -6.17
C SER B 3 -3.42 5.11 -5.44
N LEU B 4 -3.97 3.91 -5.39
CA LEU B 4 -3.31 2.80 -4.72
C LEU B 4 -3.64 1.53 -5.47
N SER B 5 -2.66 0.65 -5.58
CA SER B 5 -2.88 -0.60 -6.29
C SER B 5 -1.94 -1.68 -5.80
N PHE B 6 -2.41 -2.93 -5.82
CA PHE B 6 -1.60 -4.06 -5.41
C PHE B 6 -2.21 -5.33 -5.97
N GLY B 7 -1.36 -6.33 -6.19
CA GLY B 7 -1.84 -7.58 -6.74
C GLY B 7 -1.20 -8.79 -6.09
N PHE B 8 -2.03 -9.79 -5.79
CA PHE B 8 -1.56 -11.04 -5.21
C PHE B 8 -1.89 -12.17 -6.17
N PRO B 9 -1.00 -12.49 -7.12
CA PRO B 9 -1.33 -13.58 -8.02
C PRO B 9 -1.50 -14.86 -7.19
N THR B 10 -0.76 -14.93 -6.09
CA THR B 10 -0.83 -16.05 -5.15
C THR B 10 -0.51 -15.45 -3.79
N PHE B 11 -0.61 -16.27 -2.74
CA PHE B 11 -0.34 -15.81 -1.39
C PHE B 11 0.76 -16.60 -0.68
N PRO B 12 2.02 -16.25 -0.93
CA PRO B 12 3.14 -16.95 -0.28
C PRO B 12 2.98 -16.73 1.22
N SER B 13 3.46 -17.66 2.04
CA SER B 13 3.32 -17.55 3.49
C SER B 13 4.04 -16.33 4.07
N ASP B 14 5.06 -15.86 3.37
CA ASP B 14 5.83 -14.72 3.84
C ASP B 14 5.08 -13.42 3.53
N GLN B 15 4.12 -13.06 4.37
CA GLN B 15 3.33 -11.85 4.19
C GLN B 15 3.67 -10.72 5.17
N LYS B 16 3.62 -9.49 4.68
CA LYS B 16 3.93 -8.34 5.53
C LYS B 16 2.83 -7.28 5.54
N ASN B 17 2.07 -7.16 4.46
CA ASN B 17 1.04 -6.13 4.40
C ASN B 17 -0.40 -6.59 4.63
N LEU B 18 -0.57 -7.80 5.15
CA LEU B 18 -1.90 -8.30 5.42
C LEU B 18 -2.18 -8.30 6.91
N ILE B 19 -3.40 -7.93 7.27
CA ILE B 19 -3.83 -7.93 8.67
C ILE B 19 -4.69 -9.17 8.79
N PHE B 20 -4.26 -10.12 9.59
CA PHE B 20 -5.00 -11.36 9.79
C PHE B 20 -5.84 -11.24 11.05
N GLN B 21 -7.11 -11.64 10.96
CA GLN B 21 -7.98 -11.59 12.12
C GLN B 21 -8.67 -12.95 12.24
N GLY B 22 -9.01 -13.34 13.47
CA GLY B 22 -9.66 -14.62 13.66
C GLY B 22 -8.78 -15.79 13.30
N ASP B 23 -9.33 -16.76 12.59
CA ASP B 23 -8.56 -17.96 12.24
C ASP B 23 -7.85 -17.89 10.90
N ALA B 24 -8.03 -16.80 10.16
CA ALA B 24 -7.40 -16.67 8.85
C ALA B 24 -5.89 -16.91 8.89
N GLN B 25 -5.39 -17.65 7.92
CA GLN B 25 -3.95 -17.90 7.82
C GLN B 25 -3.59 -18.47 6.46
N ILE B 26 -2.33 -18.33 6.08
CA ILE B 26 -1.84 -18.80 4.79
C ILE B 26 -1.46 -20.27 4.80
N LYS B 27 -1.97 -21.00 3.81
CA LYS B 27 -1.66 -22.41 3.65
C LYS B 27 -1.69 -22.74 2.16
N ASN B 28 -0.60 -23.30 1.67
CA ASN B 28 -0.50 -23.67 0.26
C ASN B 28 -0.68 -22.49 -0.69
N ASN B 29 0.08 -21.42 -0.45
CA ASN B 29 0.02 -20.24 -1.30
C ASN B 29 -1.38 -19.69 -1.48
N ALA B 30 -2.25 -19.96 -0.52
CA ALA B 30 -3.61 -19.45 -0.56
C ALA B 30 -4.02 -19.03 0.85
N VAL B 31 -5.01 -18.17 0.95
CA VAL B 31 -5.49 -17.71 2.25
C VAL B 31 -6.66 -18.59 2.69
N GLN B 32 -6.49 -19.30 3.80
CA GLN B 32 -7.58 -20.11 4.34
C GLN B 32 -8.24 -19.18 5.35
N LEU B 33 -9.38 -18.60 4.98
CA LEU B 33 -10.08 -17.69 5.88
C LEU B 33 -10.63 -18.41 7.11
N THR B 34 -11.21 -19.59 6.90
CA THR B 34 -11.74 -20.36 8.01
C THR B 34 -10.78 -21.47 8.38
N LYS B 35 -10.83 -21.86 9.66
CA LYS B 35 -9.96 -22.89 10.20
C LYS B 35 -10.16 -24.28 9.58
N THR B 36 -9.04 -24.98 9.39
CA THR B 36 -9.03 -26.32 8.82
C THR B 36 -8.10 -27.16 9.71
N ASP B 37 -8.41 -28.44 9.87
CA ASP B 37 -7.57 -29.31 10.71
C ASP B 37 -6.27 -29.73 10.01
N SER B 38 -5.55 -30.64 10.66
CA SER B 38 -4.28 -31.15 10.14
C SER B 38 -4.36 -31.70 8.72
N ASN B 39 -5.47 -32.36 8.40
CA ASN B 39 -5.66 -32.94 7.07
C ASN B 39 -6.16 -31.91 6.06
N GLY B 40 -6.48 -30.70 6.53
CA GLY B 40 -6.97 -29.68 5.63
C GLY B 40 -8.48 -29.68 5.48
N ASN B 41 -9.17 -30.42 6.34
CA ASN B 41 -10.63 -30.47 6.27
C ASN B 41 -11.19 -29.32 7.08
N PRO B 42 -12.32 -28.76 6.64
CA PRO B 42 -12.96 -27.64 7.34
C PRO B 42 -13.55 -28.09 8.66
N VAL B 43 -13.60 -27.17 9.62
CA VAL B 43 -14.16 -27.46 10.93
C VAL B 43 -15.25 -26.44 11.22
N ALA B 44 -16.08 -26.75 12.21
CA ALA B 44 -17.17 -25.84 12.56
C ALA B 44 -16.70 -24.74 13.51
N SER B 45 -17.56 -23.73 13.70
CA SER B 45 -17.26 -22.62 14.60
C SER B 45 -15.94 -21.92 14.32
N THR B 46 -15.85 -21.25 13.18
CA THR B 46 -14.63 -20.56 12.82
C THR B 46 -14.94 -19.31 12.00
N VAL B 47 -14.24 -18.23 12.30
CA VAL B 47 -14.41 -16.97 11.60
C VAL B 47 -13.01 -16.45 11.31
N GLY B 48 -12.85 -15.81 10.15
CA GLY B 48 -11.54 -15.28 9.81
C GLY B 48 -11.65 -14.18 8.78
N ARG B 49 -10.73 -13.22 8.82
CA ARG B 49 -10.74 -12.12 7.87
C ARG B 49 -9.31 -11.65 7.63
N ILE B 50 -9.09 -10.98 6.51
CA ILE B 50 -7.79 -10.39 6.20
C ILE B 50 -8.10 -8.99 5.69
N LEU B 51 -7.16 -8.09 5.88
CA LEU B 51 -7.31 -6.70 5.44
C LEU B 51 -5.94 -6.27 4.92
N PHE B 52 -5.92 -5.47 3.86
CA PHE B 52 -4.65 -4.97 3.37
C PHE B 52 -4.32 -3.89 4.41
N SER B 53 -3.06 -3.79 4.82
CA SER B 53 -2.69 -2.82 5.84
C SER B 53 -2.84 -1.36 5.43
N ALA B 54 -2.51 -1.03 4.18
CA ALA B 54 -2.63 0.35 3.71
C ALA B 54 -4.08 0.80 3.56
N GLN B 55 -4.37 1.97 4.10
CA GLN B 55 -5.73 2.48 4.00
C GLN B 55 -5.98 3.03 2.61
N VAL B 56 -7.17 2.77 2.09
CA VAL B 56 -7.56 3.23 0.78
C VAL B 56 -8.32 4.54 0.96
N HIS B 57 -8.03 5.53 0.13
CA HIS B 57 -8.72 6.80 0.24
C HIS B 57 -9.94 6.69 -0.68
N LEU B 58 -11.08 6.33 -0.10
CA LEU B 58 -12.32 6.13 -0.83
C LEU B 58 -12.91 7.42 -1.38
N TRP B 59 -12.93 8.47 -0.57
CA TRP B 59 -13.43 9.76 -1.04
C TRP B 59 -12.84 10.90 -0.22
N GLU B 60 -12.85 12.09 -0.80
CA GLU B 60 -12.26 13.26 -0.14
C GLU B 60 -13.26 14.41 -0.14
N LYS B 61 -13.78 14.74 1.04
CA LYS B 61 -14.75 15.81 1.19
C LYS B 61 -14.33 17.14 0.58
N SER B 62 -13.13 17.59 0.93
CA SER B 62 -12.62 18.86 0.44
C SER B 62 -12.64 18.99 -1.10
N SER B 63 -11.92 18.10 -1.77
CA SER B 63 -11.84 18.13 -3.22
C SER B 63 -13.09 17.59 -3.92
N SER B 64 -14.05 17.12 -3.13
CA SER B 64 -15.28 16.59 -3.69
C SER B 64 -15.02 15.42 -4.66
N ARG B 65 -14.03 14.60 -4.34
CA ARG B 65 -13.71 13.45 -5.20
C ARG B 65 -14.13 12.12 -4.58
N VAL B 66 -14.39 11.15 -5.45
CA VAL B 66 -14.78 9.82 -5.02
C VAL B 66 -13.98 8.82 -5.83
N ALA B 67 -13.46 7.81 -5.16
CA ALA B 67 -12.64 6.81 -5.81
C ALA B 67 -13.35 5.88 -6.76
N ASN B 68 -12.63 5.52 -7.81
CA ASN B 68 -13.07 4.58 -8.81
C ASN B 68 -12.20 3.39 -8.40
N PHE B 69 -12.80 2.23 -8.10
CA PHE B 69 -11.98 1.10 -7.73
C PHE B 69 -12.45 -0.20 -8.35
N GLN B 70 -11.53 -1.16 -8.44
CA GLN B 70 -11.81 -2.48 -8.99
C GLN B 70 -11.11 -3.52 -8.13
N SER B 71 -11.82 -4.60 -7.84
CA SER B 71 -11.25 -5.68 -7.06
C SER B 71 -11.54 -6.96 -7.84
N GLN B 72 -10.47 -7.64 -8.24
CA GLN B 72 -10.57 -8.88 -8.99
C GLN B 72 -10.04 -9.96 -8.07
N PHE B 73 -10.80 -11.02 -7.88
CA PHE B 73 -10.34 -12.07 -6.98
C PHE B 73 -10.96 -13.41 -7.32
N SER B 74 -10.37 -14.47 -6.81
CA SER B 74 -10.91 -15.80 -7.06
C SER B 74 -10.80 -16.63 -5.79
N PHE B 75 -11.80 -17.46 -5.56
CA PHE B 75 -11.81 -18.32 -4.39
C PHE B 75 -12.47 -19.63 -4.75
N SER B 76 -12.39 -20.58 -3.83
CA SER B 76 -13.01 -21.87 -4.01
C SER B 76 -13.51 -22.30 -2.64
N LEU B 77 -14.59 -23.07 -2.65
CA LEU B 77 -15.19 -23.55 -1.41
C LEU B 77 -15.21 -25.07 -1.49
N LYS B 78 -15.02 -25.76 -0.37
CA LYS B 78 -15.03 -27.20 -0.42
C LYS B 78 -15.55 -27.78 0.89
N SER B 79 -16.39 -28.80 0.78
CA SER B 79 -16.95 -29.43 1.96
C SER B 79 -17.53 -30.79 1.65
N PRO B 80 -17.28 -31.77 2.53
CA PRO B 80 -17.78 -33.14 2.36
C PRO B 80 -19.27 -33.18 2.69
N LEU B 81 -19.78 -32.09 3.26
CA LEU B 81 -21.21 -31.98 3.62
C LEU B 81 -22.02 -31.55 2.41
N SER B 82 -23.32 -31.80 2.46
CA SER B 82 -24.20 -31.41 1.36
C SER B 82 -24.62 -29.94 1.54
N ASN B 83 -24.41 -29.39 2.74
CA ASN B 83 -24.78 -28.01 3.03
C ASN B 83 -23.64 -27.17 3.59
N GLY B 84 -22.54 -27.07 2.86
CA GLY B 84 -21.42 -26.28 3.34
C GLY B 84 -21.87 -24.86 3.67
N ALA B 85 -21.33 -24.31 4.76
CA ALA B 85 -21.67 -22.97 5.21
C ALA B 85 -20.41 -22.30 5.73
N ASP B 86 -20.43 -20.97 5.90
CA ASP B 86 -21.58 -20.12 5.62
C ASP B 86 -21.41 -19.18 4.43
N GLY B 87 -20.18 -19.00 3.98
CA GLY B 87 -19.95 -18.12 2.85
C GLY B 87 -18.74 -17.21 3.03
N ILE B 88 -18.36 -16.55 1.96
CA ILE B 88 -17.21 -15.64 1.99
C ILE B 88 -17.65 -14.27 1.49
N ALA B 89 -16.98 -13.22 1.92
CA ALA B 89 -17.34 -11.89 1.48
C ALA B 89 -16.16 -10.95 1.33
N PHE B 90 -16.22 -10.12 0.30
CA PHE B 90 -15.22 -9.09 0.07
C PHE B 90 -15.92 -7.91 0.72
N PHE B 91 -15.23 -7.15 1.56
CA PHE B 91 -15.88 -6.01 2.20
C PHE B 91 -15.02 -4.77 2.31
N ILE B 92 -15.69 -3.67 2.63
CA ILE B 92 -15.05 -2.38 2.78
C ILE B 92 -15.62 -1.80 4.07
N ALA B 93 -14.76 -1.47 5.01
CA ALA B 93 -15.21 -0.94 6.29
C ALA B 93 -14.21 0.08 6.84
N PRO B 94 -14.55 0.73 7.97
CA PRO B 94 -13.65 1.72 8.58
C PRO B 94 -12.33 1.02 8.90
N PRO B 95 -11.22 1.78 8.89
CA PRO B 95 -9.88 1.26 9.16
C PRO B 95 -9.69 0.41 10.41
N ASP B 96 -10.39 0.75 11.48
CA ASP B 96 -10.24 0.01 12.74
C ASP B 96 -11.19 -1.17 12.91
N THR B 97 -11.81 -1.61 11.83
CA THR B 97 -12.75 -2.73 11.91
C THR B 97 -12.13 -4.01 12.45
N THR B 98 -12.85 -4.69 13.34
CA THR B 98 -12.42 -5.95 13.92
C THR B 98 -13.63 -6.89 13.89
N ILE B 99 -13.39 -8.18 14.11
CA ILE B 99 -14.47 -9.16 14.10
C ILE B 99 -15.43 -8.88 15.26
N PRO B 100 -16.71 -8.60 14.96
CA PRO B 100 -17.74 -8.33 15.97
C PRO B 100 -17.97 -9.53 16.87
N SER B 101 -18.29 -9.29 18.14
CA SER B 101 -18.53 -10.38 19.06
C SER B 101 -19.80 -11.12 18.63
N GLY B 102 -19.70 -12.43 18.49
CA GLY B 102 -20.84 -13.23 18.08
C GLY B 102 -21.24 -13.10 16.62
N SER B 103 -20.27 -12.77 15.77
CA SER B 103 -20.53 -12.59 14.34
C SER B 103 -20.32 -13.85 13.51
N GLY B 104 -20.25 -15.00 14.16
CA GLY B 104 -20.03 -16.24 13.44
C GLY B 104 -21.17 -16.69 12.54
N GLY B 105 -20.98 -17.87 11.95
CA GLY B 105 -21.99 -18.43 11.07
C GLY B 105 -22.61 -17.51 10.03
N GLY B 106 -23.93 -17.49 9.99
CA GLY B 106 -24.66 -16.66 9.04
C GLY B 106 -24.33 -15.18 9.04
N LEU B 107 -23.68 -14.68 10.09
CA LEU B 107 -23.35 -13.25 10.13
C LEU B 107 -22.04 -12.99 9.39
N LEU B 108 -21.44 -14.05 8.87
CA LEU B 108 -20.22 -13.96 8.09
C LEU B 108 -19.04 -13.22 8.72
N GLY B 109 -19.09 -13.03 10.03
CA GLY B 109 -17.99 -12.34 10.69
C GLY B 109 -17.99 -10.85 10.36
N LEU B 110 -19.12 -10.35 9.86
CA LEU B 110 -19.25 -8.95 9.50
C LEU B 110 -20.19 -8.16 10.44
N PHE B 111 -21.22 -8.82 10.95
CA PHE B 111 -22.15 -8.13 11.83
C PHE B 111 -22.36 -8.77 13.19
N ALA B 112 -22.71 -7.94 14.17
CA ALA B 112 -22.99 -8.37 15.52
C ALA B 112 -24.47 -8.75 15.51
N PRO B 113 -24.85 -9.83 16.20
CA PRO B 113 -26.24 -10.28 16.24
C PRO B 113 -27.27 -9.19 16.53
N GLY B 114 -26.99 -8.37 17.54
CA GLY B 114 -27.93 -7.33 17.91
C GLY B 114 -28.29 -6.29 16.86
N THR B 115 -27.36 -5.97 15.99
CA THR B 115 -27.62 -4.95 14.98
C THR B 115 -27.37 -5.41 13.54
N ALA B 116 -27.32 -6.73 13.34
CA ALA B 116 -27.07 -7.31 12.03
C ALA B 116 -27.98 -6.77 10.94
N GLN B 117 -29.16 -6.28 11.32
CA GLN B 117 -30.09 -5.74 10.34
C GLN B 117 -30.46 -4.28 10.58
N ASN B 118 -29.69 -3.58 11.42
CA ASN B 118 -29.94 -2.17 11.69
C ASN B 118 -28.96 -1.37 10.84
N THR B 119 -29.43 -0.90 9.69
CA THR B 119 -28.58 -0.16 8.76
C THR B 119 -27.98 1.12 9.32
N SER B 120 -28.49 1.58 10.47
CA SER B 120 -27.95 2.79 11.08
C SER B 120 -26.86 2.49 12.09
N ALA B 121 -26.68 1.22 12.43
CA ALA B 121 -25.65 0.85 13.40
C ALA B 121 -24.39 0.35 12.73
N ASN B 122 -24.42 0.19 11.42
CA ASN B 122 -23.26 -0.33 10.70
C ASN B 122 -22.67 0.57 9.62
N GLN B 123 -21.43 0.29 9.28
CA GLN B 123 -20.70 1.00 8.24
C GLN B 123 -19.90 -0.04 7.49
N VAL B 124 -20.53 -0.66 6.50
CA VAL B 124 -19.84 -1.68 5.74
C VAL B 124 -20.57 -2.00 4.45
N ILE B 125 -19.79 -2.22 3.39
CA ILE B 125 -20.32 -2.61 2.10
C ILE B 125 -19.61 -3.92 1.80
N ALA B 126 -20.37 -4.94 1.42
CA ALA B 126 -19.77 -6.22 1.14
C ALA B 126 -20.51 -6.95 0.05
N VAL B 127 -19.77 -7.77 -0.69
CA VAL B 127 -20.34 -8.58 -1.73
C VAL B 127 -20.18 -9.97 -1.13
N GLU B 128 -21.30 -10.61 -0.84
CA GLU B 128 -21.28 -11.93 -0.24
C GLU B 128 -21.61 -13.08 -1.19
N PHE B 129 -20.99 -14.22 -0.92
CA PHE B 129 -21.21 -15.44 -1.68
C PHE B 129 -21.69 -16.38 -0.58
N ASP B 130 -23.00 -16.33 -0.39
CA ASP B 130 -23.70 -17.04 0.66
C ASP B 130 -24.24 -18.41 0.24
N THR B 131 -23.73 -19.46 0.88
CA THR B 131 -24.13 -20.83 0.55
C THR B 131 -25.10 -21.50 1.53
N PHE B 132 -25.43 -20.85 2.64
CA PHE B 132 -26.34 -21.42 3.62
C PHE B 132 -27.52 -20.48 3.80
N TYR B 133 -28.73 -20.98 3.53
CA TYR B 133 -29.94 -20.17 3.59
C TYR B 133 -31.11 -20.76 4.38
N ALA B 134 -30.86 -21.78 5.20
CA ALA B 134 -31.92 -22.40 5.99
C ALA B 134 -32.84 -21.32 6.56
N GLN B 135 -34.09 -21.35 6.11
CA GLN B 135 -35.08 -20.36 6.52
C GLN B 135 -35.40 -20.27 8.01
N ASP B 136 -34.87 -21.20 8.81
CA ASP B 136 -35.13 -21.17 10.25
C ASP B 136 -34.03 -20.42 11.01
N SER B 137 -32.83 -20.36 10.47
CA SER B 137 -31.73 -19.65 11.12
C SER B 137 -31.39 -18.37 10.37
N ASN B 138 -31.13 -18.48 9.07
CA ASN B 138 -30.82 -17.29 8.28
C ASN B 138 -32.12 -16.77 7.71
N THR B 139 -33.01 -16.31 8.60
CA THR B 139 -34.32 -15.80 8.23
C THR B 139 -34.30 -14.67 7.22
N TRP B 140 -33.17 -13.98 7.14
CA TRP B 140 -33.00 -12.85 6.24
C TRP B 140 -32.64 -13.20 4.79
N ASP B 141 -32.23 -14.45 4.56
CA ASP B 141 -31.85 -14.88 3.21
C ASP B 141 -32.96 -15.41 2.33
N PRO B 142 -32.77 -15.31 1.01
CA PRO B 142 -33.74 -15.81 0.05
C PRO B 142 -33.51 -17.33 0.19
N ASN B 143 -34.44 -18.15 -0.27
CA ASN B 143 -34.29 -19.60 -0.09
C ASN B 143 -33.46 -20.34 -1.17
N TYR B 144 -32.20 -19.97 -1.30
CA TYR B 144 -31.28 -20.59 -2.25
C TYR B 144 -29.90 -19.93 -2.20
N PRO B 145 -28.84 -20.65 -2.62
CA PRO B 145 -27.51 -20.03 -2.60
C PRO B 145 -27.54 -18.76 -3.44
N HIS B 146 -26.80 -17.74 -3.03
CA HIS B 146 -26.85 -16.49 -3.76
C HIS B 146 -25.65 -15.58 -3.57
N ILE B 147 -25.58 -14.57 -4.45
CA ILE B 147 -24.55 -13.56 -4.38
C ILE B 147 -25.35 -12.37 -3.91
N GLY B 148 -24.86 -11.64 -2.92
CA GLY B 148 -25.61 -10.49 -2.45
C GLY B 148 -24.78 -9.25 -2.20
N ILE B 149 -25.42 -8.09 -2.32
CA ILE B 149 -24.75 -6.82 -2.06
C ILE B 149 -25.28 -6.41 -0.69
N ASP B 150 -24.36 -6.25 0.25
CA ASP B 150 -24.73 -5.86 1.60
C ASP B 150 -24.32 -4.43 1.90
N VAL B 151 -25.29 -3.58 2.27
CA VAL B 151 -25.01 -2.20 2.62
C VAL B 151 -25.50 -1.96 4.04
N ASN B 152 -24.60 -2.11 5.00
CA ASN B 152 -24.88 -1.92 6.43
C ASN B 152 -25.82 -2.95 7.06
N SER B 153 -26.10 -4.04 6.35
CA SER B 153 -27.00 -5.06 6.88
C SER B 153 -26.74 -6.44 6.29
N ILE B 154 -26.98 -7.49 7.08
CA ILE B 154 -26.79 -8.86 6.63
C ILE B 154 -27.93 -9.21 5.64
N ARG B 155 -29.01 -8.42 5.68
CA ARG B 155 -30.11 -8.64 4.75
C ARG B 155 -29.73 -7.86 3.52
N SER B 156 -29.27 -8.57 2.50
CA SER B 156 -28.83 -7.98 1.25
C SER B 156 -29.84 -7.02 0.62
N VAL B 157 -29.34 -5.92 0.08
CA VAL B 157 -30.21 -4.95 -0.58
C VAL B 157 -30.52 -5.50 -1.96
N LYS B 158 -29.73 -6.49 -2.37
CA LYS B 158 -29.90 -7.09 -3.69
C LYS B 158 -29.26 -8.49 -3.71
N THR B 159 -29.96 -9.47 -4.28
CA THR B 159 -29.40 -10.82 -4.40
C THR B 159 -29.77 -11.42 -5.75
N VAL B 160 -28.93 -12.34 -6.22
CA VAL B 160 -29.18 -13.04 -7.48
C VAL B 160 -28.82 -14.49 -7.23
N LYS B 161 -29.56 -15.40 -7.86
CA LYS B 161 -29.32 -16.82 -7.67
C LYS B 161 -27.90 -17.19 -8.11
N TRP B 162 -27.27 -18.04 -7.31
CA TRP B 162 -25.90 -18.45 -7.57
C TRP B 162 -25.79 -19.96 -7.37
N ASP B 163 -24.84 -20.57 -8.08
CA ASP B 163 -24.64 -22.01 -7.97
C ASP B 163 -23.32 -22.24 -7.24
N ARG B 164 -23.38 -23.03 -6.16
CA ARG B 164 -22.18 -23.38 -5.42
C ARG B 164 -21.60 -24.61 -6.13
N ARG B 165 -20.30 -24.60 -6.40
CA ARG B 165 -19.66 -25.73 -7.06
C ARG B 165 -18.43 -26.11 -6.26
N ASP B 166 -18.52 -27.25 -5.58
CA ASP B 166 -17.45 -27.73 -4.72
C ASP B 166 -16.10 -27.84 -5.43
N GLY B 167 -15.08 -27.22 -4.85
CA GLY B 167 -13.74 -27.27 -5.40
C GLY B 167 -13.49 -26.55 -6.70
N GLN B 168 -14.42 -25.71 -7.16
CA GLN B 168 -14.21 -24.99 -8.40
C GLN B 168 -14.03 -23.50 -8.13
N SER B 169 -13.00 -22.91 -8.72
CA SER B 169 -12.70 -21.50 -8.52
C SER B 169 -13.68 -20.59 -9.21
N LEU B 170 -14.10 -19.56 -8.48
CA LEU B 170 -15.01 -18.57 -9.02
C LEU B 170 -14.16 -17.31 -9.20
N ASN B 171 -14.19 -16.72 -10.38
CA ASN B 171 -13.46 -15.48 -10.61
C ASN B 171 -14.46 -14.34 -10.50
N VAL B 172 -14.13 -13.36 -9.67
CA VAL B 172 -15.01 -12.24 -9.42
C VAL B 172 -14.39 -10.88 -9.71
N LEU B 173 -15.18 -10.00 -10.32
CA LEU B 173 -14.71 -8.65 -10.60
C LEU B 173 -15.72 -7.70 -9.95
N VAL B 174 -15.25 -6.91 -8.99
CA VAL B 174 -16.12 -5.96 -8.31
C VAL B 174 -15.59 -4.56 -8.65
N THR B 175 -16.43 -3.74 -9.27
CA THR B 175 -16.02 -2.39 -9.64
C THR B 175 -17.02 -1.35 -9.19
N PHE B 176 -16.53 -0.14 -8.92
CA PHE B 176 -17.37 0.96 -8.51
C PHE B 176 -17.02 2.14 -9.40
N ASN B 177 -18.03 2.74 -10.00
CA ASN B 177 -17.85 3.89 -10.87
C ASN B 177 -18.50 5.07 -10.16
N PRO B 178 -17.69 6.04 -9.70
CA PRO B 178 -18.18 7.23 -8.99
C PRO B 178 -19.11 8.14 -9.78
N SER B 179 -19.01 8.12 -11.12
CA SER B 179 -19.87 8.98 -11.91
C SER B 179 -21.32 8.49 -11.94
N THR B 180 -21.49 7.18 -12.01
CA THR B 180 -22.84 6.59 -12.03
C THR B 180 -23.20 6.02 -10.66
N ARG B 181 -22.22 5.90 -9.78
CA ARG B 181 -22.42 5.35 -8.45
C ARG B 181 -22.89 3.90 -8.52
N ASN B 182 -22.53 3.23 -9.61
CA ASN B 182 -22.90 1.84 -9.79
C ASN B 182 -21.83 0.88 -9.24
N LEU B 183 -22.25 -0.01 -8.36
CA LEU B 183 -21.36 -1.03 -7.81
C LEU B 183 -21.72 -2.27 -8.61
N ASP B 184 -20.82 -2.71 -9.47
CA ASP B 184 -21.08 -3.87 -10.31
C ASP B 184 -20.32 -5.11 -9.89
N VAL B 185 -20.98 -6.25 -9.96
CA VAL B 185 -20.37 -7.52 -9.62
C VAL B 185 -20.54 -8.48 -10.78
N VAL B 186 -19.43 -9.06 -11.23
CA VAL B 186 -19.45 -10.04 -12.31
C VAL B 186 -18.63 -11.22 -11.80
N ALA B 187 -19.21 -12.42 -11.84
CA ALA B 187 -18.52 -13.61 -11.37
C ALA B 187 -18.66 -14.71 -12.41
N THR B 188 -17.61 -15.48 -12.61
CA THR B 188 -17.65 -16.55 -13.59
C THR B 188 -16.92 -17.81 -13.16
N TYR B 189 -17.38 -18.95 -13.67
CA TYR B 189 -16.74 -20.22 -13.41
C TYR B 189 -15.96 -20.48 -14.69
N SER B 190 -14.98 -21.39 -14.65
CA SER B 190 -14.14 -21.68 -15.81
C SER B 190 -14.86 -22.20 -17.05
N ASP B 191 -16.12 -22.59 -16.90
CA ASP B 191 -16.88 -23.10 -18.04
C ASP B 191 -17.70 -21.99 -18.71
N GLY B 192 -17.50 -20.75 -18.26
CA GLY B 192 -18.22 -19.63 -18.84
C GLY B 192 -19.49 -19.23 -18.13
N THR B 193 -19.95 -20.03 -17.15
CA THR B 193 -21.18 -19.69 -16.42
C THR B 193 -20.96 -18.33 -15.76
N ARG B 194 -21.85 -17.40 -16.08
CA ARG B 194 -21.71 -16.02 -15.61
C ARG B 194 -22.84 -15.53 -14.70
N TYR B 195 -22.49 -14.73 -13.69
CA TYR B 195 -23.47 -14.14 -12.78
C TYR B 195 -23.16 -12.66 -12.64
N GLU B 196 -24.18 -11.82 -12.67
CA GLU B 196 -23.94 -10.41 -12.51
C GLU B 196 -25.08 -9.71 -11.80
N VAL B 197 -24.72 -8.82 -10.89
CA VAL B 197 -25.68 -8.05 -10.12
C VAL B 197 -25.09 -6.66 -9.97
N SER B 198 -25.95 -5.66 -10.01
CA SER B 198 -25.49 -4.28 -9.90
C SER B 198 -26.37 -3.50 -8.93
N TYR B 199 -25.81 -2.46 -8.34
CA TYR B 199 -26.57 -1.65 -7.40
C TYR B 199 -26.01 -0.24 -7.32
N GLU B 200 -26.90 0.74 -7.29
CA GLU B 200 -26.50 2.13 -7.22
C GLU B 200 -26.37 2.55 -5.77
N VAL B 201 -25.17 3.00 -5.38
CA VAL B 201 -24.96 3.43 -4.01
C VAL B 201 -23.88 4.52 -3.91
N ASP B 202 -24.19 5.57 -3.15
CA ASP B 202 -23.27 6.67 -2.94
C ASP B 202 -22.45 6.24 -1.74
N VAL B 203 -21.19 5.88 -1.96
CA VAL B 203 -20.35 5.41 -0.86
C VAL B 203 -20.06 6.44 0.21
N ARG B 204 -20.22 7.73 -0.13
CA ARG B 204 -19.95 8.79 0.82
C ARG B 204 -20.94 8.86 1.99
N SER B 205 -22.15 8.35 1.79
CA SER B 205 -23.13 8.38 2.86
C SER B 205 -23.05 7.12 3.71
N VAL B 206 -22.22 6.17 3.28
CA VAL B 206 -22.08 4.90 3.99
C VAL B 206 -20.75 4.69 4.70
N LEU B 207 -19.66 5.04 4.02
CA LEU B 207 -18.34 4.84 4.58
C LEU B 207 -17.54 6.13 4.75
N PRO B 208 -16.59 6.14 5.70
CA PRO B 208 -15.75 7.30 5.97
C PRO B 208 -14.79 7.51 4.79
N GLU B 209 -14.05 8.62 4.79
CA GLU B 209 -13.10 8.93 3.72
C GLU B 209 -12.03 7.88 3.53
N TRP B 210 -11.46 7.40 4.63
CA TRP B 210 -10.43 6.37 4.57
C TRP B 210 -10.96 5.04 5.05
N VAL B 211 -10.73 3.98 4.27
CA VAL B 211 -11.22 2.67 4.64
C VAL B 211 -10.19 1.59 4.37
N ARG B 212 -10.49 0.39 4.86
CA ARG B 212 -9.64 -0.77 4.62
C ARG B 212 -10.49 -1.77 3.87
N VAL B 213 -9.85 -2.56 3.01
CA VAL B 213 -10.56 -3.55 2.22
C VAL B 213 -10.02 -4.93 2.53
N GLY B 214 -10.90 -5.92 2.45
CA GLY B 214 -10.48 -7.28 2.72
C GLY B 214 -11.56 -8.31 2.49
N PHE B 215 -11.38 -9.46 3.12
CA PHE B 215 -12.33 -10.56 2.99
C PHE B 215 -12.68 -11.14 4.34
N SER B 216 -13.85 -11.73 4.41
CA SER B 216 -14.32 -12.34 5.64
C SER B 216 -15.05 -13.60 5.26
N ALA B 217 -15.05 -14.57 6.17
CA ALA B 217 -15.74 -15.83 5.94
C ALA B 217 -15.98 -16.46 7.31
N ALA B 218 -16.95 -17.35 7.37
CA ALA B 218 -17.27 -18.01 8.62
C ALA B 218 -18.05 -19.29 8.41
N SER B 219 -18.00 -20.15 9.41
CA SER B 219 -18.72 -21.42 9.42
C SER B 219 -19.32 -21.58 10.81
N GLY B 220 -20.59 -21.95 10.89
CA GLY B 220 -21.23 -22.17 12.17
C GLY B 220 -21.27 -23.67 12.43
N GLU B 221 -22.47 -24.23 12.50
CA GLU B 221 -22.61 -25.67 12.72
C GLU B 221 -22.23 -26.43 11.45
N GLN B 222 -22.53 -25.84 10.29
CA GLN B 222 -22.17 -26.43 9.01
C GLN B 222 -20.86 -25.75 8.61
N TYR B 223 -20.05 -26.42 7.80
CA TYR B 223 -18.76 -25.88 7.42
C TYR B 223 -18.29 -26.20 6.03
N GLN B 224 -17.22 -25.51 5.63
CA GLN B 224 -16.58 -25.66 4.35
C GLN B 224 -15.36 -24.76 4.39
N THR B 225 -14.36 -25.05 3.58
CA THR B 225 -13.18 -24.20 3.55
C THR B 225 -13.54 -22.98 2.68
N HIS B 226 -12.90 -21.85 2.96
CA HIS B 226 -13.12 -20.63 2.18
C HIS B 226 -11.72 -20.19 1.79
N THR B 227 -11.29 -20.63 0.61
CA THR B 227 -9.95 -20.35 0.13
C THR B 227 -9.86 -19.21 -0.88
N LEU B 228 -9.20 -18.12 -0.47
CA LEU B 228 -9.00 -16.97 -1.33
C LEU B 228 -7.72 -17.31 -2.08
N GLU B 229 -7.81 -17.46 -3.40
CA GLU B 229 -6.67 -17.86 -4.23
C GLU B 229 -5.82 -16.73 -4.80
N SER B 230 -6.45 -15.63 -5.19
CA SER B 230 -5.70 -14.49 -5.73
C SER B 230 -6.53 -13.23 -5.52
N TRP B 231 -5.87 -12.08 -5.61
CA TRP B 231 -6.56 -10.81 -5.42
C TRP B 231 -5.74 -9.64 -5.93
N SER B 232 -6.36 -8.80 -6.75
CA SER B 232 -5.70 -7.59 -7.24
C SER B 232 -6.68 -6.46 -6.94
N PHE B 233 -6.15 -5.32 -6.54
CA PHE B 233 -7.01 -4.19 -6.21
C PHE B 233 -6.39 -2.88 -6.69
N THR B 234 -7.24 -1.96 -7.10
CA THR B 234 -6.79 -0.66 -7.57
C THR B 234 -7.91 0.37 -7.35
N SER B 235 -7.51 1.58 -7.01
CA SER B 235 -8.46 2.67 -6.79
C SER B 235 -7.78 4.01 -7.03
N THR B 236 -8.52 4.92 -7.65
CA THR B 236 -8.02 6.26 -7.98
C THR B 236 -9.11 7.28 -7.70
N LEU B 237 -8.75 8.38 -7.03
CA LEU B 237 -9.72 9.42 -6.76
C LEU B 237 -10.03 10.16 -8.06
N LEU B 238 -11.31 10.43 -8.29
CA LEU B 238 -11.73 11.16 -9.49
C LEU B 238 -12.76 12.22 -9.14
N TYR B 239 -12.88 13.22 -10.02
CA TYR B 239 -13.83 14.31 -9.81
C TYR B 239 -15.24 13.86 -10.20
N THR B 240 -16.21 14.25 -9.39
CA THR B 240 -17.61 13.91 -9.62
C THR B 240 -18.46 15.15 -9.40
N ALA B 241 -19.60 15.23 -10.09
CA ALA B 241 -20.50 16.38 -9.95
C ALA B 241 -21.80 15.96 -9.28
#